data_8XAS
#
_entry.id   8XAS
#
_cell.length_a   73.831
_cell.length_b   79.112
_cell.length_c   162.501
_cell.angle_alpha   90.00
_cell.angle_beta   90.00
_cell.angle_gamma   90.00
#
_symmetry.space_group_name_H-M   'P 21 21 21'
#
loop_
_entity.id
_entity.type
_entity.pdbx_description
1 polymer 'Two-component response regulator ARR1'
2 polymer 'DNA (50-MER)'
3 polymer 'DNA (50-MER)'
4 water water
#
loop_
_entity_poly.entity_id
_entity_poly.type
_entity_poly.pdbx_seq_one_letter_code
_entity_poly.pdbx_strand_id
1 'polypeptide(L)'
;GEEQGDDKDEDASNLKKPRVVWSVELHQQFVAAVNQLGVEKAVPKKILEL(MSE)NVPGLTRENVASHLQKYRIYLRRLG
GVSQH
;
A,B,C,D,E,F
2 'polydeoxyribonucleotide'
;(DA)(DA)(DT)(DC)(DC)(DA)(DG)(DA)(DT)(DT)(DA)(DA)(DT)(DC)(DT)(DA)(DA)(DT)(DC)(DT)
(DA)(DA)(DT)(DC)(DC)
;
X,Y
3 'polydeoxyribonucleotide'
;(DG)(DG)(DA)(DT)(DT)(DA)(DG)(DA)(DT)(DT)(DA)(DG)(DA)(DT)(DT)(DA)(DA)(DT)(DC)(DT)
(DG)(DG)(DA)(DT)(DT)
;
G,H
#
# COMPACT_ATOMS: atom_id res chain seq x y z
N LYS A 17 6.06 -19.18 9.32
CA LYS A 17 4.79 -19.68 8.81
C LYS A 17 3.66 -19.42 9.79
N PRO A 18 3.26 -18.16 9.90
CA PRO A 18 2.04 -17.84 10.60
C PRO A 18 0.82 -17.87 9.67
N ARG A 19 0.06 -18.94 9.63
CA ARG A 19 -1.15 -18.96 8.83
C ARG A 19 -2.17 -18.01 9.35
N VAL A 20 -2.96 -17.47 8.45
CA VAL A 20 -4.15 -16.79 8.84
C VAL A 20 -5.20 -17.79 9.25
N VAL A 21 -5.95 -17.50 10.29
CA VAL A 21 -7.14 -18.24 10.59
C VAL A 21 -8.34 -17.37 10.48
N TRP A 22 -9.33 -17.80 9.71
CA TRP A 22 -10.48 -16.98 9.37
C TRP A 22 -11.53 -17.12 10.48
N SER A 23 -11.32 -16.36 11.55
CA SER A 23 -12.24 -16.28 12.67
C SER A 23 -13.59 -15.71 12.25
N VAL A 24 -14.56 -15.80 13.16
CA VAL A 24 -15.89 -15.25 12.89
C VAL A 24 -15.80 -13.77 12.55
N GLU A 25 -14.96 -13.05 13.28
CA GLU A 25 -14.87 -11.59 13.09
C GLU A 25 -14.21 -11.26 11.74
N LEU A 26 -13.16 -11.98 11.39
CA LEU A 26 -12.42 -11.61 10.19
C LEU A 26 -13.14 -12.09 8.94
N HIS A 27 -13.70 -13.30 8.98
CA HIS A 27 -14.58 -13.71 7.90
C HIS A 27 -15.73 -12.72 7.71
N GLN A 28 -16.32 -12.27 8.81
CA GLN A 28 -17.45 -11.32 8.71
C GLN A 28 -17.02 -10.03 8.02
N GLN A 29 -15.82 -9.54 8.33
CA GLN A 29 -15.33 -8.36 7.62
C GLN A 29 -15.14 -8.64 6.15
N PHE A 30 -14.68 -9.85 5.84
CA PHE A 30 -14.50 -10.25 4.46
C PHE A 30 -15.84 -10.34 3.74
N VAL A 31 -16.85 -10.91 4.41
CA VAL A 31 -18.18 -11.00 3.82
C VAL A 31 -18.74 -9.62 3.49
N ALA A 32 -18.61 -8.68 4.42
CA ALA A 32 -19.08 -7.32 4.16
C ALA A 32 -18.32 -6.69 3.00
N ALA A 33 -17.01 -6.92 2.93
CA ALA A 33 -16.22 -6.32 1.86
C ALA A 33 -16.61 -6.92 0.51
N VAL A 34 -16.65 -8.25 0.44
CA VAL A 34 -17.01 -8.92 -0.81
C VAL A 34 -18.43 -8.55 -1.22
N ASN A 35 -19.36 -8.52 -0.27
CA ASN A 35 -20.73 -8.19 -0.64
C ASN A 35 -20.86 -6.74 -1.10
N GLN A 36 -20.01 -5.85 -0.60
CA GLN A 36 -20.03 -4.50 -1.15
C GLN A 36 -19.57 -4.48 -2.61
N LEU A 37 -18.58 -5.29 -2.98
CA LEU A 37 -18.10 -5.32 -4.34
C LEU A 37 -18.90 -6.26 -5.24
N GLY A 38 -19.56 -7.26 -4.68
CA GLY A 38 -20.19 -8.31 -5.47
C GLY A 38 -19.34 -9.56 -5.53
N VAL A 39 -19.94 -10.68 -5.25
CA VAL A 39 -19.21 -11.89 -5.08
C VAL A 39 -18.43 -12.27 -6.29
N GLU A 40 -19.01 -12.08 -7.46
CA GLU A 40 -18.37 -12.53 -8.66
C GLU A 40 -17.38 -11.55 -9.20
N LYS A 41 -17.46 -10.31 -8.76
CA LYS A 41 -16.67 -9.24 -9.30
C LYS A 41 -15.61 -8.73 -8.34
N ALA A 42 -15.64 -9.21 -7.10
CA ALA A 42 -14.68 -8.78 -6.07
C ALA A 42 -13.28 -9.25 -6.43
N VAL A 43 -12.31 -8.38 -6.26
CA VAL A 43 -10.89 -8.71 -6.52
C VAL A 43 -10.12 -8.51 -5.21
N PRO A 44 -9.04 -9.27 -4.95
CA PRO A 44 -8.28 -9.15 -3.71
C PRO A 44 -7.81 -7.75 -3.31
N LYS A 45 -7.28 -6.98 -4.25
CA LYS A 45 -6.81 -5.62 -3.91
C LYS A 45 -7.95 -4.79 -3.32
N LYS A 46 -9.13 -4.85 -3.93
CA LYS A 46 -10.28 -4.05 -3.43
C LYS A 46 -10.77 -4.62 -2.10
N ILE A 47 -10.80 -5.94 -1.98
CA ILE A 47 -11.25 -6.60 -0.72
C ILE A 47 -10.27 -6.19 0.39
N LEU A 48 -8.98 -6.19 0.08
CA LEU A 48 -7.91 -5.84 1.04
C LEU A 48 -8.06 -4.38 1.47
N GLU A 49 -8.38 -3.48 0.61
CA GLU A 49 -8.54 -2.10 0.95
C GLU A 49 -9.75 -1.84 1.81
N LEU A 50 -10.82 -2.54 1.53
CA LEU A 50 -12.03 -2.37 2.34
C LEU A 50 -11.82 -2.96 3.74
N ASN A 52 -8.90 -3.38 5.46
CA ASN A 52 -7.93 -2.57 6.20
C ASN A 52 -7.43 -3.31 7.44
N VAL A 53 -6.99 -4.54 7.26
CA VAL A 53 -6.46 -5.39 8.37
C VAL A 53 -4.95 -5.45 8.25
N PRO A 54 -4.19 -4.92 9.21
CA PRO A 54 -2.74 -4.96 9.16
C PRO A 54 -2.21 -6.38 9.04
N GLY A 55 -1.32 -6.59 8.08
CA GLY A 55 -0.68 -7.90 7.88
C GLY A 55 -1.38 -8.78 6.89
N LEU A 56 -2.65 -8.52 6.60
CA LEU A 56 -3.38 -9.38 5.67
C LEU A 56 -2.87 -9.14 4.25
N THR A 57 -2.68 -10.22 3.48
CA THR A 57 -2.13 -10.08 2.14
C THR A 57 -3.16 -10.42 1.08
N ARG A 58 -2.84 -10.02 -0.15
CA ARG A 58 -3.61 -10.41 -1.33
C ARG A 58 -3.79 -11.92 -1.40
N GLU A 59 -2.73 -12.67 -1.12
CA GLU A 59 -2.80 -14.13 -1.24
C GLU A 59 -3.70 -14.71 -0.16
N ASN A 60 -3.68 -14.13 1.04
CA ASN A 60 -4.64 -14.53 2.07
C ASN A 60 -6.07 -14.36 1.57
N VAL A 61 -6.39 -13.15 1.10
CA VAL A 61 -7.74 -12.86 0.65
C VAL A 61 -8.11 -13.70 -0.56
N ALA A 62 -7.17 -13.85 -1.50
CA ALA A 62 -7.46 -14.57 -2.74
C ALA A 62 -7.76 -16.03 -2.45
N SER A 63 -6.96 -16.65 -1.58
CA SER A 63 -7.19 -18.06 -1.26
C SER A 63 -8.50 -18.25 -0.54
N HIS A 64 -8.87 -17.31 0.31
CA HIS A 64 -10.15 -17.42 1.02
C HIS A 64 -11.31 -17.06 0.12
N LEU A 65 -11.06 -16.18 -0.85
CA LEU A 65 -12.09 -15.84 -1.82
C LEU A 65 -12.44 -17.04 -2.68
N GLN A 66 -11.43 -17.82 -3.08
CA GLN A 66 -11.66 -19.00 -3.90
C GLN A 66 -12.50 -20.03 -3.16
N LYS A 67 -12.19 -20.30 -1.89
CA LYS A 67 -12.99 -21.25 -1.13
C LYS A 67 -14.39 -20.71 -0.88
N TYR A 68 -14.52 -19.39 -0.74
CA TYR A 68 -15.84 -18.80 -0.53
C TYR A 68 -16.71 -18.92 -1.78
N ARG A 69 -16.09 -18.81 -2.97
CA ARG A 69 -16.88 -18.92 -4.19
C ARG A 69 -17.33 -20.37 -4.42
N ILE A 70 -16.47 -21.34 -4.12
CA ILE A 70 -16.90 -22.73 -4.15
C ILE A 70 -18.10 -22.92 -3.23
N TYR A 71 -17.98 -22.43 -2.00
CA TYR A 71 -19.02 -22.63 -1.00
C TYR A 71 -20.32 -21.97 -1.41
N LEU A 72 -20.24 -20.80 -2.04
CA LEU A 72 -21.45 -20.12 -2.49
C LEU A 72 -22.05 -20.79 -3.72
N ARG A 73 -21.22 -21.42 -4.56
CA ARG A 73 -21.76 -22.06 -5.74
C ARG A 73 -22.55 -23.32 -5.38
N ARG A 74 -22.14 -24.03 -4.33
CA ARG A 74 -22.90 -25.19 -3.84
C ARG A 74 -24.24 -24.76 -3.26
N LEU A 75 -24.52 -23.47 -3.26
CA LEU A 75 -25.84 -22.95 -2.92
C LEU A 75 -26.37 -22.08 -4.06
N LYS B 17 18.52 6.37 29.20
CA LYS B 17 17.19 5.78 29.33
C LYS B 17 16.31 5.97 28.07
N PRO B 18 16.81 5.54 26.91
CA PRO B 18 16.13 5.84 25.65
C PRO B 18 15.05 4.82 25.29
N ARG B 19 14.21 5.22 24.34
CA ARG B 19 13.11 4.36 23.89
C ARG B 19 13.65 3.12 23.21
N VAL B 20 13.08 1.97 23.55
CA VAL B 20 13.42 0.75 22.84
C VAL B 20 13.05 0.91 21.38
N VAL B 21 13.83 0.33 20.51
CA VAL B 21 13.49 0.28 19.14
C VAL B 21 13.30 -1.15 18.76
N TRP B 22 12.08 -1.55 18.47
CA TRP B 22 11.82 -2.91 18.09
C TRP B 22 12.17 -3.18 16.63
N SER B 23 13.45 -3.34 16.38
CA SER B 23 13.94 -3.81 15.12
C SER B 23 13.58 -5.23 14.75
N VAL B 24 13.80 -5.57 13.50
CA VAL B 24 13.42 -6.89 13.04
C VAL B 24 14.20 -7.99 13.73
N GLU B 25 15.47 -7.74 14.01
CA GLU B 25 16.25 -8.59 14.84
C GLU B 25 15.76 -8.84 16.22
N LEU B 26 15.44 -7.76 16.93
CA LEU B 26 14.97 -7.86 18.26
C LEU B 26 13.58 -8.46 18.30
N HIS B 27 12.77 -8.13 17.33
CA HIS B 27 11.48 -8.68 17.24
C HIS B 27 11.52 -10.16 16.91
N GLN B 28 12.49 -10.56 16.11
CA GLN B 28 12.71 -11.95 15.85
C GLN B 28 13.06 -12.72 17.09
N GLN B 29 13.87 -12.16 17.95
CA GLN B 29 14.26 -12.80 19.16
C GLN B 29 13.12 -12.94 20.13
N PHE B 30 12.30 -11.91 20.21
CA PHE B 30 11.08 -11.93 20.95
C PHE B 30 10.15 -13.01 20.42
N VAL B 31 10.03 -13.12 19.11
CA VAL B 31 9.13 -14.07 18.53
C VAL B 31 9.55 -15.48 18.83
N ALA B 32 10.82 -15.77 18.65
CA ALA B 32 11.39 -17.04 19.05
C ALA B 32 11.14 -17.40 20.49
N ALA B 33 11.30 -16.48 21.41
CA ALA B 33 11.06 -16.76 22.82
C ALA B 33 9.57 -16.98 23.08
N VAL B 34 8.71 -16.23 22.42
CA VAL B 34 7.28 -16.41 22.66
C VAL B 34 6.84 -17.78 22.16
N ASN B 35 7.37 -18.22 21.02
CA ASN B 35 6.98 -19.52 20.47
C ASN B 35 7.46 -20.66 21.35
N GLN B 36 8.65 -20.54 21.93
CA GLN B 36 9.13 -21.52 22.89
C GLN B 36 8.11 -21.76 23.99
N LEU B 37 7.46 -20.70 24.45
CA LEU B 37 6.56 -20.79 25.58
C LEU B 37 5.11 -20.96 25.18
N GLY B 38 4.75 -20.49 24.00
CA GLY B 38 3.37 -20.45 23.60
C GLY B 38 2.82 -19.06 23.77
N VAL B 39 2.34 -18.46 22.67
CA VAL B 39 1.84 -17.07 22.70
C VAL B 39 0.75 -16.92 23.76
N GLU B 40 0.02 -18.00 24.04
CA GLU B 40 -1.04 -17.97 25.03
C GLU B 40 -0.47 -17.90 26.44
N LYS B 41 0.65 -18.60 26.69
CA LYS B 41 1.23 -18.65 28.03
C LYS B 41 2.33 -17.61 28.27
N ALA B 42 2.98 -17.11 27.21
CA ALA B 42 4.16 -16.28 27.40
C ALA B 42 3.83 -15.08 28.28
N VAL B 43 4.73 -14.79 29.22
CA VAL B 43 4.65 -13.61 30.07
C VAL B 43 5.99 -12.91 30.00
N PRO B 44 6.01 -11.60 30.29
CA PRO B 44 7.25 -10.83 30.06
C PRO B 44 8.48 -11.38 30.78
N LYS B 45 8.35 -11.84 32.03
CA LYS B 45 9.52 -12.34 32.73
C LYS B 45 10.12 -13.55 32.01
N LYS B 46 9.27 -14.49 31.59
CA LYS B 46 9.81 -15.69 30.96
C LYS B 46 10.20 -15.45 29.51
N ILE B 47 9.63 -14.45 28.85
CA ILE B 47 10.14 -14.04 27.55
C ILE B 47 11.55 -13.46 27.68
N LEU B 48 11.80 -12.65 28.72
CA LEU B 48 13.12 -12.05 28.88
C LEU B 48 14.15 -13.07 29.34
N GLU B 49 13.76 -14.05 30.15
CA GLU B 49 14.69 -15.13 30.47
C GLU B 49 15.29 -15.72 29.22
N LEU B 50 14.48 -15.90 28.20
CA LEU B 50 14.95 -16.52 27.00
C LEU B 50 15.67 -15.61 26.07
N ASN B 52 17.58 -13.05 26.69
CA ASN B 52 18.91 -12.73 27.16
C ASN B 52 19.40 -11.42 26.57
N VAL B 53 18.59 -10.38 26.64
CA VAL B 53 18.99 -9.09 26.09
C VAL B 53 19.04 -8.08 27.24
N PRO B 54 20.21 -7.69 27.70
CA PRO B 54 20.26 -6.80 28.87
C PRO B 54 19.71 -5.44 28.49
N GLY B 55 19.37 -4.66 29.51
CA GLY B 55 18.75 -3.37 29.30
C GLY B 55 17.29 -3.41 28.91
N LEU B 56 16.78 -4.56 28.50
CA LEU B 56 15.38 -4.70 28.10
C LEU B 56 14.56 -4.98 29.36
N THR B 57 13.52 -4.18 29.58
CA THR B 57 12.74 -4.27 30.81
C THR B 57 11.46 -5.07 30.60
N ARG B 58 10.82 -5.40 31.72
CA ARG B 58 9.56 -6.13 31.64
C ARG B 58 8.49 -5.28 31.00
N GLU B 59 8.43 -3.98 31.35
CA GLU B 59 7.45 -3.12 30.70
C GLU B 59 7.73 -3.00 29.20
N ASN B 60 9.00 -2.82 28.83
CA ASN B 60 9.39 -2.88 27.42
C ASN B 60 8.72 -4.05 26.71
N VAL B 61 8.90 -5.25 27.25
CA VAL B 61 8.36 -6.46 26.61
C VAL B 61 6.84 -6.48 26.70
N ALA B 62 6.27 -6.20 27.89
CA ALA B 62 4.82 -6.18 28.04
C ALA B 62 4.16 -5.34 26.95
N SER B 63 4.68 -4.14 26.71
CA SER B 63 4.08 -3.26 25.72
C SER B 63 4.18 -3.86 24.34
N HIS B 64 5.31 -4.48 24.03
CA HIS B 64 5.46 -5.12 22.74
C HIS B 64 4.58 -6.35 22.64
N LEU B 65 4.49 -7.13 23.72
CA LEU B 65 3.68 -8.33 23.70
C LEU B 65 2.22 -7.98 23.42
N GLN B 66 1.70 -6.93 24.07
CA GLN B 66 0.30 -6.54 23.82
C GLN B 66 0.10 -6.16 22.37
N LYS B 67 1.00 -5.32 21.83
CA LYS B 67 0.94 -4.97 20.42
C LYS B 67 1.01 -6.21 19.55
N TYR B 68 1.81 -7.20 19.96
CA TYR B 68 1.94 -8.43 19.17
C TYR B 68 0.64 -9.21 19.18
N ARG B 69 0.05 -9.32 20.36
CA ARG B 69 -1.20 -10.07 20.57
C ARG B 69 -2.34 -9.42 19.79
N ILE B 70 -2.38 -8.10 19.74
CA ILE B 70 -3.46 -7.41 18.99
C ILE B 70 -3.36 -7.83 17.53
N TYR B 71 -2.15 -7.76 17.00
CA TYR B 71 -1.83 -8.09 15.60
C TYR B 71 -2.22 -9.53 15.29
N LEU B 72 -1.85 -10.48 16.13
CA LEU B 72 -2.14 -11.89 15.86
C LEU B 72 -3.63 -12.17 16.06
N ARG B 73 -4.30 -11.45 16.94
CA ARG B 73 -5.73 -11.73 17.19
C ARG B 73 -6.53 -11.47 15.93
N ARG B 74 -6.21 -10.40 15.21
CA ARG B 74 -6.93 -10.11 13.96
C ARG B 74 -6.63 -11.18 12.92
N LEU B 75 -5.42 -11.62 12.77
CA LEU B 75 -5.10 -12.52 11.72
C LEU B 75 -5.26 -13.93 12.12
N GLY B 76 -5.76 -14.14 13.31
CA GLY B 76 -6.01 -15.50 13.67
C GLY B 76 -5.74 -16.08 14.99
N GLY B 77 -6.80 -16.48 15.65
CA GLY B 77 -6.66 -17.05 16.95
C GLY B 77 -7.05 -15.95 17.89
N VAL B 78 -6.05 -15.47 18.62
CA VAL B 78 -4.95 -16.33 18.94
C VAL B 78 -5.29 -17.02 20.25
N LYS C 17 -12.16 13.13 2.91
CA LYS C 17 -11.27 12.72 4.00
C LYS C 17 -11.17 13.84 5.05
N PRO C 18 -11.93 13.71 6.14
CA PRO C 18 -12.11 14.85 7.05
C PRO C 18 -10.89 15.02 7.95
N ARG C 19 -10.39 16.25 8.03
CA ARG C 19 -9.40 16.66 9.01
C ARG C 19 -10.06 17.63 9.98
N VAL C 20 -9.70 17.54 11.25
CA VAL C 20 -10.24 18.48 12.22
C VAL C 20 -9.66 19.86 11.92
N VAL C 21 -10.45 20.89 12.15
CA VAL C 21 -10.02 22.28 12.06
C VAL C 21 -10.10 22.85 13.46
N TRP C 22 -8.97 23.18 14.07
CA TRP C 22 -9.03 23.77 15.41
C TRP C 22 -9.35 25.26 15.28
N SER C 23 -10.64 25.54 15.11
CA SER C 23 -11.12 26.92 15.12
C SER C 23 -10.75 27.61 16.44
N VAL C 24 -10.89 28.93 16.46
CA VAL C 24 -10.57 29.67 17.68
C VAL C 24 -11.49 29.25 18.82
N GLU C 25 -12.76 28.99 18.52
CA GLU C 25 -13.70 28.61 19.57
C GLU C 25 -13.38 27.22 20.10
N LEU C 26 -13.15 26.27 19.19
CA LEU C 26 -12.81 24.91 19.61
C LEU C 26 -11.55 24.91 20.44
N HIS C 27 -10.52 25.63 19.99
CA HIS C 27 -9.28 25.62 20.76
C HIS C 27 -9.47 26.29 22.11
N GLN C 28 -10.38 27.25 22.19
CA GLN C 28 -10.63 27.89 23.48
C GLN C 28 -11.35 26.94 24.43
N GLN C 29 -12.30 26.15 23.92
CA GLN C 29 -12.92 25.15 24.79
C GLN C 29 -11.88 24.19 25.29
N PHE C 30 -10.99 23.75 24.40
CA PHE C 30 -9.88 22.88 24.80
C PHE C 30 -9.04 23.53 25.90
N VAL C 31 -8.69 24.81 25.75
CA VAL C 31 -7.89 25.47 26.80
C VAL C 31 -8.68 25.56 28.09
N ALA C 32 -9.97 25.87 28.01
CA ALA C 32 -10.82 25.86 29.21
C ALA C 32 -10.80 24.48 29.87
N ALA C 33 -10.82 23.42 29.05
CA ALA C 33 -10.80 22.08 29.61
C ALA C 33 -9.48 21.80 30.28
N VAL C 34 -8.37 22.13 29.61
CA VAL C 34 -7.05 21.83 30.13
C VAL C 34 -6.77 22.61 31.41
N ASN C 35 -7.26 23.84 31.50
CA ASN C 35 -7.06 24.62 32.72
C ASN C 35 -7.92 24.09 33.86
N GLN C 36 -9.09 23.53 33.54
CA GLN C 36 -9.94 22.93 34.56
C GLN C 36 -9.30 21.69 35.17
N LEU C 37 -8.53 20.94 34.37
CA LEU C 37 -7.83 19.75 34.86
C LEU C 37 -6.47 20.07 35.43
N GLY C 38 -5.84 21.14 35.00
CA GLY C 38 -4.43 21.37 35.25
C GLY C 38 -3.63 20.80 34.11
N VAL C 39 -2.89 21.66 33.39
CA VAL C 39 -2.15 21.23 32.20
C VAL C 39 -1.22 20.07 32.50
N GLU C 40 -0.82 19.91 33.76
CA GLU C 40 0.01 18.78 34.13
C GLU C 40 -0.78 17.47 34.07
N LYS C 41 -1.92 17.42 34.74
CA LYS C 41 -2.71 16.19 34.82
C LYS C 41 -3.63 15.98 33.61
N ALA C 42 -3.71 16.92 32.67
CA ALA C 42 -4.69 16.81 31.59
C ALA C 42 -4.31 15.70 30.62
N VAL C 43 -5.28 14.87 30.26
CA VAL C 43 -5.10 13.80 29.29
C VAL C 43 -6.32 13.78 28.37
N PRO C 44 -6.15 13.21 27.18
CA PRO C 44 -7.21 13.40 26.15
C PRO C 44 -8.61 13.00 26.60
N LYS C 45 -8.75 11.88 27.31
CA LYS C 45 -10.08 11.40 27.67
C LYS C 45 -10.78 12.38 28.61
N LYS C 46 -10.09 12.80 29.66
CA LYS C 46 -10.69 13.78 30.57
C LYS C 46 -10.95 15.09 29.86
N ILE C 47 -10.06 15.50 28.97
CA ILE C 47 -10.30 16.73 28.21
C ILE C 47 -11.58 16.59 27.39
N LEU C 48 -11.79 15.45 26.74
CA LEU C 48 -13.00 15.29 25.95
C LEU C 48 -14.25 15.21 26.81
N GLU C 49 -14.15 14.61 28.00
CA GLU C 49 -15.31 14.59 28.88
C GLU C 49 -15.79 16.00 29.19
N LEU C 50 -14.85 16.91 29.44
CA LEU C 50 -15.23 18.29 29.75
C LEU C 50 -15.70 19.00 28.49
N ASN C 52 -17.17 18.07 25.82
CA ASN C 52 -18.51 17.69 25.37
C ASN C 52 -18.72 18.07 23.89
N VAL C 53 -17.80 17.63 23.04
CA VAL C 53 -17.88 17.94 21.61
C VAL C 53 -17.89 16.65 20.81
N PRO C 54 -19.03 16.26 20.24
CA PRO C 54 -19.07 15.04 19.44
C PRO C 54 -18.24 15.22 18.19
N GLY C 55 -17.78 14.10 17.64
CA GLY C 55 -16.93 14.14 16.48
C GLY C 55 -15.43 14.22 16.79
N LEU C 56 -15.05 14.84 17.89
CA LEU C 56 -13.66 14.81 18.32
C LEU C 56 -13.31 13.44 18.90
N THR C 57 -12.23 12.86 18.41
CA THR C 57 -11.69 11.63 18.94
C THR C 57 -10.56 11.92 19.91
N ARG C 58 -10.17 10.90 20.68
CA ARG C 58 -9.01 11.06 21.56
C ARG C 58 -7.74 11.31 20.77
N GLU C 59 -7.61 10.76 19.56
CA GLU C 59 -6.42 11.07 18.75
C GLU C 59 -6.41 12.53 18.31
N ASN C 60 -7.57 13.08 17.93
CA ASN C 60 -7.64 14.50 17.57
C ASN C 60 -7.12 15.37 18.70
N VAL C 61 -7.54 15.07 19.94
CA VAL C 61 -7.15 15.87 21.10
C VAL C 61 -5.70 15.62 21.47
N ALA C 62 -5.25 14.38 21.40
CA ALA C 62 -3.87 14.08 21.74
C ALA C 62 -2.91 14.79 20.79
N SER C 63 -3.24 14.84 19.50
CA SER C 63 -2.40 15.61 18.57
C SER C 63 -2.39 17.08 18.93
N HIS C 64 -3.56 17.65 19.20
CA HIS C 64 -3.61 19.05 19.56
C HIS C 64 -2.90 19.32 20.88
N LEU C 65 -3.08 18.42 21.85
CA LEU C 65 -2.46 18.57 23.16
C LEU C 65 -0.94 18.55 23.05
N GLN C 66 -0.41 17.75 22.14
CA GLN C 66 1.05 17.66 22.04
C GLN C 66 1.62 18.95 21.47
N LYS C 67 0.94 19.54 20.46
CA LYS C 67 1.35 20.83 19.92
C LYS C 67 1.23 21.92 20.99
N TYR C 68 0.16 21.88 21.78
CA TYR C 68 -0.02 22.85 22.84
C TYR C 68 1.09 22.70 23.87
N ARG C 69 1.44 21.47 24.21
CA ARG C 69 2.49 21.24 25.19
C ARG C 69 3.85 21.69 24.64
N ILE C 70 4.14 21.43 23.36
CA ILE C 70 5.39 21.90 22.77
C ILE C 70 5.51 23.41 22.90
N TYR C 71 4.46 24.12 22.53
CA TYR C 71 4.43 25.58 22.67
C TYR C 71 4.66 26.01 24.12
N LEU C 72 3.92 25.42 25.06
CA LEU C 72 4.05 25.85 26.47
C LEU C 72 5.41 25.45 27.05
N ARG C 73 5.98 24.34 26.60
CA ARG C 73 7.25 23.91 27.17
C ARG C 73 8.34 24.95 26.93
N ARG C 74 8.40 25.54 25.73
CA ARG C 74 9.42 26.54 25.43
C ARG C 74 9.29 27.76 26.33
N LEU C 75 8.07 28.16 26.64
CA LEU C 75 7.80 29.26 27.54
C LEU C 75 7.79 28.87 29.01
N GLY C 76 7.81 27.56 29.32
CA GLY C 76 8.01 27.09 30.67
C GLY C 76 6.75 26.89 31.49
N GLY C 77 5.58 27.05 30.88
CA GLY C 77 4.30 26.88 31.56
C GLY C 77 3.85 25.43 31.63
N VAL C 78 4.80 24.50 31.61
CA VAL C 78 4.55 23.07 31.75
C VAL C 78 5.89 22.38 32.01
N SER C 79 5.85 21.31 32.80
CA SER C 79 6.98 20.43 33.05
C SER C 79 7.81 20.17 31.79
N LYS D 17 18.54 31.33 5.15
CA LYS D 17 17.77 31.82 4.02
C LYS D 17 18.00 30.98 2.76
N PRO D 18 18.74 29.89 2.90
CA PRO D 18 19.09 29.04 1.78
C PRO D 18 17.99 28.05 1.52
N ARG D 19 17.40 28.12 0.34
CA ARG D 19 16.44 27.17 -0.11
C ARG D 19 17.17 26.03 -0.77
N VAL D 20 16.70 24.83 -0.60
CA VAL D 20 17.20 23.73 -1.36
C VAL D 20 16.70 23.87 -2.76
N VAL D 21 17.57 23.68 -3.74
CA VAL D 21 17.14 23.55 -5.12
C VAL D 21 17.21 22.12 -5.57
N TRP D 22 16.12 21.57 -6.06
CA TRP D 22 16.11 20.17 -6.45
C TRP D 22 16.60 20.06 -7.89
N SER D 23 17.92 20.06 -8.02
CA SER D 23 18.53 19.85 -9.32
C SER D 23 18.10 18.51 -9.90
N VAL D 24 18.39 18.33 -11.19
CA VAL D 24 18.05 17.06 -11.84
C VAL D 24 18.76 15.90 -11.15
N GLU D 25 20.01 16.13 -10.82
CA GLU D 25 20.81 15.18 -10.10
C GLU D 25 20.10 14.73 -8.85
N LEU D 26 19.77 15.69 -8.01
CA LEU D 26 19.33 15.41 -6.68
C LEU D 26 17.99 14.78 -6.71
N HIS D 27 17.13 15.21 -7.61
CA HIS D 27 15.84 14.61 -7.78
C HIS D 27 15.94 13.17 -8.21
N GLN D 28 16.88 12.86 -9.09
CA GLN D 28 17.10 11.51 -9.49
C GLN D 28 17.59 10.65 -8.37
N GLN D 29 18.43 11.20 -7.51
CA GLN D 29 18.84 10.52 -6.31
C GLN D 29 17.65 10.19 -5.44
N PHE D 30 16.78 11.16 -5.27
CA PHE D 30 15.55 11.01 -4.48
C PHE D 30 14.64 9.96 -5.11
N VAL D 31 14.43 10.03 -6.42
CA VAL D 31 13.57 9.04 -7.08
C VAL D 31 14.15 7.64 -6.91
N ALA D 32 15.46 7.50 -7.09
CA ALA D 32 16.12 6.20 -6.87
C ALA D 32 15.86 5.68 -5.46
N ALA D 33 16.07 6.52 -4.44
CA ALA D 33 15.75 6.12 -3.07
C ALA D 33 14.29 5.71 -2.96
N VAL D 34 13.38 6.51 -3.52
CA VAL D 34 11.97 6.23 -3.31
C VAL D 34 11.58 4.92 -4.00
N ASN D 35 12.16 4.68 -5.16
CA ASN D 35 11.82 3.45 -5.91
C ASN D 35 12.37 2.24 -5.17
N GLN D 36 13.39 2.46 -4.37
CA GLN D 36 14.06 1.37 -3.63
C GLN D 36 13.25 0.98 -2.38
N LEU D 37 12.30 1.82 -1.95
CA LEU D 37 11.48 1.53 -0.76
C LEU D 37 10.04 1.29 -1.17
N GLY D 38 9.61 1.91 -2.27
CA GLY D 38 8.21 1.86 -2.70
C GLY D 38 7.58 3.20 -2.43
N VAL D 39 7.03 3.83 -3.46
CA VAL D 39 6.43 5.20 -3.35
C VAL D 39 5.43 5.27 -2.21
N GLU D 40 4.52 4.31 -2.14
CA GLU D 40 3.43 4.34 -1.14
C GLU D 40 4.00 4.22 0.28
N LYS D 41 4.99 3.36 0.50
CA LYS D 41 5.49 3.20 1.88
C LYS D 41 6.82 3.92 2.15
N ALA D 42 7.23 4.85 1.30
CA ALA D 42 8.49 5.57 1.59
C ALA D 42 8.21 6.69 2.58
N VAL D 43 9.14 6.94 3.48
CA VAL D 43 9.03 8.03 4.48
C VAL D 43 10.32 8.83 4.44
N PRO D 44 10.30 10.11 4.85
CA PRO D 44 11.48 10.95 4.78
C PRO D 44 12.74 10.41 5.46
N LYS D 45 12.59 9.76 6.60
CA LYS D 45 13.78 9.26 7.33
C LYS D 45 14.49 8.17 6.52
N LYS D 46 13.74 7.26 5.90
CA LYS D 46 14.38 6.18 5.10
C LYS D 46 14.91 6.77 3.80
N ILE D 47 14.20 7.72 3.20
CA ILE D 47 14.71 8.33 1.98
C ILE D 47 16.06 8.96 2.24
N LEU D 48 16.17 9.70 3.35
CA LEU D 48 17.39 10.41 3.65
C LEU D 48 18.56 9.47 3.90
N GLU D 49 18.32 8.33 4.54
CA GLU D 49 19.45 7.46 4.81
C GLU D 49 19.93 6.79 3.52
N LEU D 50 19.02 6.43 2.62
CA LEU D 50 19.45 5.93 1.33
C LEU D 50 20.20 7.00 0.53
N ASN D 52 21.87 9.49 1.45
CA ASN D 52 23.17 9.78 2.08
C ASN D 52 23.70 11.14 1.64
N VAL D 53 22.87 12.17 1.74
CA VAL D 53 23.27 13.52 1.35
C VAL D 53 23.23 14.41 2.59
N PRO D 54 24.39 14.69 3.17
CA PRO D 54 24.48 15.82 4.10
C PRO D 54 23.95 17.09 3.44
N GLY D 55 23.36 17.97 4.24
CA GLY D 55 22.70 19.15 3.73
C GLY D 55 21.19 19.07 3.67
N LEU D 56 20.64 17.86 3.61
CA LEU D 56 19.21 17.65 3.43
C LEU D 56 18.60 17.24 4.76
N THR D 57 17.54 17.92 5.17
CA THR D 57 16.78 17.59 6.36
C THR D 57 15.55 16.75 6.01
N ARG D 58 14.92 16.23 7.06
CA ARG D 58 13.64 15.56 6.88
C ARG D 58 12.63 16.46 6.18
N GLU D 59 12.57 17.75 6.57
CA GLU D 59 11.54 18.61 6.02
C GLU D 59 11.77 18.88 4.55
N ASN D 60 13.04 19.10 4.14
CA ASN D 60 13.35 19.22 2.72
C ASN D 60 12.82 18.02 1.93
N VAL D 61 13.07 16.81 2.44
CA VAL D 61 12.62 15.64 1.72
C VAL D 61 11.11 15.51 1.77
N ALA D 62 10.51 15.79 2.94
CA ALA D 62 9.07 15.61 3.06
C ALA D 62 8.31 16.59 2.17
N SER D 63 8.81 17.82 2.04
CA SER D 63 8.16 18.75 1.13
C SER D 63 8.25 18.24 -0.30
N HIS D 64 9.42 17.79 -0.70
CA HIS D 64 9.58 17.29 -2.04
C HIS D 64 8.68 16.10 -2.28
N LEU D 65 8.54 15.25 -1.27
CA LEU D 65 7.80 14.01 -1.43
C LEU D 65 6.30 14.29 -1.51
N GLN D 66 5.80 15.30 -0.78
CA GLN D 66 4.41 15.71 -0.95
C GLN D 66 4.12 16.10 -2.40
N LYS D 67 4.91 17.02 -2.94
CA LYS D 67 4.78 17.44 -4.33
C LYS D 67 4.90 16.25 -5.28
N TYR D 68 5.80 15.32 -4.97
CA TYR D 68 5.99 14.15 -5.82
C TYR D 68 4.77 13.23 -5.77
N ARG D 69 4.18 13.06 -4.60
CA ARG D 69 2.98 12.22 -4.50
C ARG D 69 1.80 12.88 -5.20
N ILE D 70 1.66 14.20 -5.11
CA ILE D 70 0.60 14.89 -5.83
C ILE D 70 0.68 14.54 -7.31
N TYR D 71 1.89 14.63 -7.86
CA TYR D 71 2.07 14.41 -9.29
C TYR D 71 1.78 12.95 -9.67
N LEU D 72 2.31 12.00 -8.91
CA LEU D 72 2.13 10.59 -9.24
C LEU D 72 0.72 10.10 -9.03
N ARG D 73 0.01 10.63 -8.02
CA ARG D 73 -1.34 10.12 -7.74
C ARG D 73 -2.34 10.56 -8.80
N ARG D 74 -2.20 11.76 -9.34
CA ARG D 74 -3.02 12.17 -10.47
C ARG D 74 -2.90 11.20 -11.64
N LEU D 75 -1.76 10.48 -11.72
CA LEU D 75 -1.51 9.53 -12.79
C LEU D 75 -1.72 8.08 -12.37
N GLY D 76 -1.78 7.81 -11.07
CA GLY D 76 -2.14 6.48 -10.60
C GLY D 76 -0.96 5.66 -10.15
N LYS E 17 7.45 6.57 -16.61
CA LYS E 17 7.94 5.26 -16.25
C LYS E 17 7.11 4.61 -15.17
N PRO E 18 6.25 5.35 -14.54
CA PRO E 18 5.13 4.69 -13.89
C PRO E 18 4.10 4.40 -14.93
N ARG E 19 3.52 3.20 -14.90
CA ARG E 19 2.30 2.89 -15.61
C ARG E 19 1.24 3.87 -15.15
N VAL E 20 0.42 4.33 -16.06
CA VAL E 20 -0.71 5.13 -15.72
C VAL E 20 -1.86 4.24 -15.30
N VAL E 21 -2.56 4.62 -14.27
CA VAL E 21 -3.78 3.97 -13.94
C VAL E 21 -4.92 4.91 -14.21
N TRP E 22 -5.90 4.48 -14.96
CA TRP E 22 -6.99 5.37 -15.34
C TRP E 22 -8.09 5.36 -14.27
N SER E 23 -7.96 6.28 -13.33
CA SER E 23 -8.97 6.45 -12.26
C SER E 23 -10.30 7.02 -12.78
N VAL E 24 -11.31 7.04 -11.92
CA VAL E 24 -12.63 7.61 -12.29
C VAL E 24 -12.42 9.06 -12.72
N GLU E 25 -11.65 9.81 -11.93
CA GLU E 25 -11.35 11.24 -12.17
C GLU E 25 -10.65 11.43 -13.53
N LEU E 26 -9.55 10.73 -13.75
CA LEU E 26 -8.77 10.90 -14.99
C LEU E 26 -9.59 10.46 -16.20
N HIS E 27 -10.32 9.37 -16.07
CA HIS E 27 -11.19 8.99 -17.13
C HIS E 27 -12.34 9.94 -17.41
N GLN E 28 -12.89 10.54 -16.38
CA GLN E 28 -13.88 11.58 -16.55
C GLN E 28 -13.35 12.76 -17.37
N GLN E 29 -12.14 13.19 -17.09
CA GLN E 29 -11.51 14.23 -17.87
C GLN E 29 -11.32 13.81 -19.31
N PHE E 30 -10.97 12.55 -19.52
CA PHE E 30 -10.85 12.01 -20.87
C PHE E 30 -12.18 12.09 -21.61
N VAL E 31 -13.28 11.59 -21.00
CA VAL E 31 -14.56 11.57 -21.70
C VAL E 31 -15.02 12.99 -22.01
N ALA E 32 -14.81 13.92 -21.07
CA ALA E 32 -15.23 15.28 -21.35
C ALA E 32 -14.43 15.87 -22.50
N ALA E 33 -13.12 15.57 -22.55
CA ALA E 33 -12.29 16.06 -23.64
C ALA E 33 -12.68 15.39 -24.95
N VAL E 34 -12.96 14.09 -24.92
CA VAL E 34 -13.42 13.43 -26.14
C VAL E 34 -14.73 14.05 -26.60
N ASN E 35 -15.67 14.21 -25.66
CA ASN E 35 -16.99 14.71 -26.05
C ASN E 35 -16.93 16.14 -26.54
N GLN E 36 -16.09 16.95 -25.95
CA GLN E 36 -15.97 18.32 -26.38
C GLN E 36 -15.44 18.39 -27.80
N LEU E 37 -14.49 17.55 -28.12
CA LEU E 37 -13.86 17.61 -29.41
C LEU E 37 -14.77 17.08 -30.48
N GLY E 38 -15.63 16.16 -30.11
CA GLY E 38 -16.37 15.34 -31.03
C GLY E 38 -15.50 14.22 -31.51
N VAL E 39 -15.80 12.95 -31.25
CA VAL E 39 -15.16 11.95 -32.08
C VAL E 39 -15.73 12.06 -33.49
N GLU E 40 -14.87 12.12 -34.50
CA GLU E 40 -13.49 12.51 -34.35
C GLU E 40 -13.26 13.90 -34.91
N LYS E 41 -12.97 14.83 -34.03
CA LYS E 41 -11.71 15.50 -33.90
C LYS E 41 -10.88 14.94 -32.74
N ALA E 42 -11.38 13.90 -32.10
CA ALA E 42 -10.82 13.47 -30.88
C ALA E 42 -9.65 12.60 -31.21
N VAL E 43 -8.50 13.21 -31.26
CA VAL E 43 -7.27 12.51 -31.38
C VAL E 43 -6.39 12.79 -30.18
N PRO E 44 -5.44 11.92 -29.95
CA PRO E 44 -4.66 11.93 -28.72
C PRO E 44 -4.04 13.25 -28.39
N LYS E 45 -3.33 13.84 -29.32
CA LYS E 45 -2.64 15.06 -29.05
C LYS E 45 -3.55 16.16 -28.59
N LYS E 46 -4.70 16.32 -29.21
CA LYS E 46 -5.61 17.38 -28.81
C LYS E 46 -6.43 17.01 -27.58
N ILE E 47 -6.78 15.73 -27.41
CA ILE E 47 -7.33 15.30 -26.13
C ILE E 47 -6.34 15.62 -25.02
N LEU E 48 -5.05 15.37 -25.27
CA LEU E 48 -4.04 15.59 -24.25
C LEU E 48 -3.97 17.05 -23.85
N GLU E 49 -4.07 17.95 -24.83
CA GLU E 49 -3.98 19.37 -24.49
C GLU E 49 -5.19 19.81 -23.68
N LEU E 50 -6.35 19.27 -23.97
CA LEU E 50 -7.51 19.60 -23.20
C LEU E 50 -7.44 19.15 -21.77
N ASN E 52 -4.87 18.57 -19.87
CA ASN E 52 -3.87 19.35 -19.14
C ASN E 52 -3.53 18.69 -17.81
N VAL E 53 -3.05 17.45 -17.90
CA VAL E 53 -2.65 16.66 -16.74
C VAL E 53 -1.13 16.52 -16.77
N PRO E 54 -0.41 17.07 -15.79
CA PRO E 54 1.05 16.95 -15.77
C PRO E 54 1.52 15.51 -15.86
N GLY E 55 2.43 15.25 -16.79
CA GLY E 55 3.01 13.93 -16.96
C GLY E 55 2.22 12.97 -17.84
N LEU E 56 0.97 13.25 -18.12
CA LEU E 56 0.21 12.44 -19.06
C LEU E 56 0.78 12.55 -20.45
N THR E 57 1.07 11.43 -21.07
CA THR E 57 1.67 11.44 -22.38
C THR E 57 0.69 11.18 -23.47
N ARG E 58 1.09 11.48 -24.68
CA ARG E 58 0.30 11.25 -25.85
C ARG E 58 -0.05 9.80 -25.99
N GLU E 59 0.90 8.93 -25.79
CA GLU E 59 0.69 7.52 -25.76
C GLU E 59 -0.22 6.97 -24.68
N ASN E 60 -0.23 7.59 -23.52
CA ASN E 60 -1.15 7.21 -22.49
C ASN E 60 -2.55 7.33 -23.03
N VAL E 61 -2.88 8.47 -23.63
CA VAL E 61 -4.26 8.65 -24.06
C VAL E 61 -4.52 7.92 -25.38
N ALA E 62 -3.53 7.77 -26.26
CA ALA E 62 -3.76 7.01 -27.48
C ALA E 62 -4.17 5.57 -27.15
N SER E 63 -3.48 4.94 -26.22
CA SER E 63 -3.84 3.58 -25.83
C SER E 63 -5.24 3.53 -25.20
N HIS E 64 -5.54 4.48 -24.31
CA HIS E 64 -6.86 4.54 -23.69
C HIS E 64 -7.95 4.85 -24.72
N LEU E 65 -7.64 5.71 -25.69
CA LEU E 65 -8.58 6.01 -26.74
C LEU E 65 -8.92 4.76 -27.53
N GLN E 66 -7.93 3.87 -27.72
CA GLN E 66 -8.17 2.65 -28.47
C GLN E 66 -9.16 1.75 -27.75
N LYS E 67 -8.89 1.44 -26.48
CA LYS E 67 -9.81 0.58 -25.74
C LYS E 67 -11.20 1.21 -25.62
N TYR E 68 -11.27 2.55 -25.54
CA TYR E 68 -12.56 3.25 -25.42
C TYR E 68 -13.37 3.10 -26.69
N ARG E 69 -12.72 3.20 -27.86
CA ARG E 69 -13.37 3.00 -29.14
C ARG E 69 -13.95 1.61 -29.27
N ILE E 70 -13.19 0.60 -28.83
CA ILE E 70 -13.69 -0.76 -28.79
C ILE E 70 -14.88 -0.85 -27.86
N TYR E 71 -14.79 -0.20 -26.70
CA TYR E 71 -15.85 -0.23 -25.70
C TYR E 71 -17.14 0.39 -26.21
N LEU E 72 -17.02 1.48 -26.98
CA LEU E 72 -18.21 2.17 -27.53
C LEU E 72 -18.82 1.33 -28.64
N ARG E 73 -17.99 0.62 -29.41
CA ARG E 73 -18.43 -0.21 -30.56
C ARG E 73 -19.36 -1.33 -30.07
N ARG E 74 -19.14 -1.85 -28.88
CA ARG E 74 -20.00 -2.88 -28.23
C ARG E 74 -21.22 -2.26 -27.55
N LEU E 75 -21.52 -0.97 -27.74
CA LEU E 75 -22.64 -0.21 -27.16
C LEU E 75 -22.55 -0.20 -25.64
N LYS F 16 -16.79 -23.30 -21.76
CA LYS F 16 -15.44 -23.62 -21.32
C LYS F 16 -14.48 -23.75 -22.52
N LYS F 17 -13.20 -23.51 -22.23
CA LYS F 17 -12.08 -24.07 -22.94
C LYS F 17 -11.20 -24.75 -21.89
N PRO F 18 -10.56 -25.87 -22.22
CA PRO F 18 -9.64 -26.46 -21.25
C PRO F 18 -8.49 -25.51 -20.97
N ARG F 19 -8.10 -25.43 -19.69
CA ARG F 19 -6.82 -24.80 -19.36
C ARG F 19 -5.70 -25.60 -20.00
N VAL F 20 -4.70 -24.90 -20.51
CA VAL F 20 -3.57 -25.55 -21.13
C VAL F 20 -2.64 -26.04 -20.03
N VAL F 21 -2.02 -27.20 -20.21
CA VAL F 21 -1.06 -27.73 -19.25
C VAL F 21 0.28 -27.88 -19.95
N TRP F 22 1.29 -27.18 -19.47
CA TRP F 22 2.58 -27.13 -20.15
C TRP F 22 3.36 -28.39 -19.80
N SER F 23 3.09 -29.45 -20.56
CA SER F 23 3.80 -30.70 -20.39
C SER F 23 5.27 -30.55 -20.82
N VAL F 24 6.06 -31.58 -20.52
CA VAL F 24 7.45 -31.57 -20.93
C VAL F 24 7.57 -31.40 -22.45
N GLU F 25 6.70 -32.07 -23.20
CA GLU F 25 6.78 -32.02 -24.66
C GLU F 25 6.35 -30.67 -25.20
N LEU F 26 5.27 -30.10 -24.65
CA LEU F 26 4.82 -28.82 -25.15
C LEU F 26 5.76 -27.71 -24.72
N HIS F 27 6.29 -27.78 -23.51
CA HIS F 27 7.27 -26.80 -23.08
C HIS F 27 8.53 -26.88 -23.92
N GLN F 28 8.95 -28.09 -24.28
CA GLN F 28 10.16 -28.24 -25.09
C GLN F 28 9.98 -27.56 -26.45
N GLN F 29 8.84 -27.69 -27.06
CA GLN F 29 8.62 -27.05 -28.32
C GLN F 29 8.60 -25.51 -28.20
N PHE F 30 8.15 -24.99 -27.08
CA PHE F 30 8.17 -23.57 -26.84
C PHE F 30 9.60 -23.07 -26.62
N VAL F 31 10.40 -23.85 -25.95
CA VAL F 31 11.77 -23.50 -25.72
C VAL F 31 12.59 -23.49 -27.02
N ALA F 32 12.29 -24.40 -27.91
CA ALA F 32 12.98 -24.43 -29.16
C ALA F 32 12.64 -23.26 -30.01
N ALA F 33 11.39 -22.87 -29.97
CA ALA F 33 10.93 -21.76 -30.74
C ALA F 33 11.52 -20.48 -30.21
N VAL F 34 11.59 -20.35 -28.92
CA VAL F 34 12.15 -19.17 -28.33
C VAL F 34 13.61 -19.06 -28.71
N ASN F 35 14.35 -20.13 -28.58
CA ASN F 35 15.74 -20.10 -28.87
C ASN F 35 16.06 -19.88 -30.36
N GLN F 36 15.21 -20.33 -31.24
CA GLN F 36 15.40 -20.14 -32.64
C GLN F 36 15.19 -18.72 -33.05
N LEU F 37 14.29 -18.02 -32.39
CA LEU F 37 13.97 -16.66 -32.74
C LEU F 37 14.85 -15.66 -32.06
N GLY F 38 15.33 -15.99 -30.90
CA GLY F 38 16.08 -15.02 -30.12
C GLY F 38 15.09 -14.20 -29.32
N VAL F 39 15.56 -13.33 -28.45
CA VAL F 39 14.68 -12.50 -27.61
C VAL F 39 14.05 -11.31 -28.27
N GLU F 40 14.38 -11.05 -29.51
CA GLU F 40 13.88 -9.89 -30.11
C GLU F 40 12.69 -10.32 -30.83
N LYS F 41 12.72 -11.54 -31.27
CA LYS F 41 11.65 -12.00 -32.07
C LYS F 41 10.81 -12.98 -31.30
N ALA F 42 11.13 -13.21 -30.05
CA ALA F 42 10.37 -14.20 -29.31
C ALA F 42 9.22 -13.54 -28.66
N VAL F 43 8.27 -13.20 -29.47
CA VAL F 43 7.07 -12.63 -29.05
C VAL F 43 6.02 -13.69 -29.31
N PRO F 44 4.87 -13.59 -28.64
CA PRO F 44 3.86 -14.65 -28.73
C PRO F 44 3.38 -15.19 -30.10
N LYS F 45 3.10 -14.36 -31.07
CA LYS F 45 2.61 -14.78 -32.37
C LYS F 45 3.58 -15.61 -33.19
N LYS F 46 4.86 -15.31 -33.08
CA LYS F 46 5.87 -16.03 -33.79
C LYS F 46 6.25 -17.33 -33.11
N ILE F 47 6.16 -17.38 -31.80
CA ILE F 47 6.42 -18.61 -31.07
C ILE F 47 5.32 -19.57 -31.44
N LEU F 48 4.12 -19.04 -31.65
CA LEU F 48 2.99 -19.87 -31.94
C LEU F 48 3.05 -20.45 -33.34
N GLU F 49 3.50 -19.67 -34.29
CA GLU F 49 3.65 -20.14 -35.62
C GLU F 49 4.64 -21.26 -35.74
N LEU F 50 5.73 -21.17 -35.03
CA LEU F 50 6.74 -22.20 -35.06
C LEU F 50 6.28 -23.47 -34.36
N ASN F 52 3.25 -24.59 -34.06
CA ASN F 52 2.20 -25.20 -34.81
C ASN F 52 1.44 -26.29 -34.09
N VAL F 53 0.90 -25.97 -32.93
CA VAL F 53 0.10 -26.99 -32.24
C VAL F 53 -1.35 -26.55 -32.24
N PRO F 54 -2.27 -27.38 -32.71
CA PRO F 54 -3.66 -26.95 -32.87
C PRO F 54 -4.29 -26.55 -31.55
N GLY F 55 -5.13 -25.51 -31.61
CA GLY F 55 -5.86 -25.04 -30.46
C GLY F 55 -5.09 -24.18 -29.49
N LEU F 56 -3.76 -24.14 -29.59
CA LEU F 56 -2.97 -23.29 -28.71
C LEU F 56 -3.06 -21.84 -29.15
N THR F 57 -3.26 -20.92 -28.21
CA THR F 57 -3.50 -19.53 -28.53
C THR F 57 -2.33 -18.65 -28.12
N ARG F 58 -2.35 -17.42 -28.67
CA ARG F 58 -1.47 -16.33 -28.23
C ARG F 58 -1.40 -16.24 -26.72
N GLU F 59 -2.57 -16.11 -26.07
CA GLU F 59 -2.57 -15.84 -24.63
C GLU F 59 -2.00 -17.01 -23.86
N ASN F 60 -2.18 -18.24 -24.34
CA ASN F 60 -1.49 -19.37 -23.73
C ASN F 60 0.01 -19.15 -23.76
N VAL F 61 0.54 -18.69 -24.90
CA VAL F 61 1.97 -18.51 -25.06
C VAL F 61 2.45 -17.31 -24.27
N ALA F 62 1.74 -16.18 -24.42
CA ALA F 62 2.11 -14.97 -23.70
C ALA F 62 2.13 -15.24 -22.19
N SER F 63 1.11 -15.91 -21.68
CA SER F 63 1.12 -16.24 -20.25
C SER F 63 2.34 -17.05 -19.90
N HIS F 64 2.66 -18.06 -20.71
CA HIS F 64 3.79 -18.92 -20.42
C HIS F 64 5.10 -18.18 -20.59
N LEU F 65 5.15 -17.27 -21.57
CA LEU F 65 6.35 -16.50 -21.84
C LEU F 65 6.68 -15.59 -20.67
N GLN F 66 5.66 -15.05 -20.00
CA GLN F 66 5.93 -14.14 -18.88
C GLN F 66 6.54 -14.91 -17.71
N LYS F 67 6.06 -16.13 -17.46
CA LYS F 67 6.61 -16.93 -16.37
C LYS F 67 8.01 -17.41 -16.73
N TYR F 68 8.22 -17.73 -18.00
CA TYR F 68 9.53 -18.16 -18.50
C TYR F 68 10.56 -17.06 -18.29
N ARG F 69 10.20 -15.81 -18.59
CA ARG F 69 11.14 -14.69 -18.45
C ARG F 69 11.48 -14.43 -16.99
N ILE F 70 10.50 -14.57 -16.09
CA ILE F 70 10.79 -14.47 -14.66
C ILE F 70 11.72 -15.60 -14.23
N TYR F 71 11.49 -16.78 -14.77
CA TYR F 71 12.24 -17.96 -14.37
C TYR F 71 13.71 -17.83 -14.77
N LEU F 72 13.97 -17.24 -15.95
CA LEU F 72 15.34 -17.03 -16.41
C LEU F 72 16.02 -15.87 -15.70
N ARG F 73 15.34 -14.74 -15.54
CA ARG F 73 15.92 -13.64 -14.78
C ARG F 73 16.39 -14.12 -13.41
N ARG F 74 15.64 -15.05 -12.81
CA ARG F 74 16.10 -15.65 -11.57
C ARG F 74 17.40 -16.42 -11.79
N LEU F 75 17.42 -17.30 -12.80
CA LEU F 75 18.63 -18.04 -13.12
C LEU F 75 19.82 -17.12 -13.37
N GLY F 76 19.61 -16.06 -14.17
CA GLY F 76 20.70 -15.17 -14.54
C GLY F 76 21.16 -14.30 -13.40
N GLY F 77 20.24 -13.90 -12.53
CA GLY F 77 20.55 -13.08 -11.37
C GLY F 77 20.67 -11.61 -11.69
#